data_8B74
#
_entry.id   8B74
#
_cell.length_a   51.140
_cell.length_b   55.572
_cell.length_c   156.298
_cell.angle_alpha   90.000
_cell.angle_beta   90.000
_cell.angle_gamma   90.000
#
_symmetry.space_group_name_H-M   'P 2 2 21'
#
loop_
_entity.id
_entity.type
_entity.pdbx_description
1 polymer Oxidoreductase
2 water water
#
_entity_poly.entity_id   1
_entity_poly.type   'polypeptide(L)'
_entity_poly.pdbx_seq_one_letter_code
;MKTRQNVYELKDDTLSWYSRAVEEMKSRDINDPTSWWYQGAIHGYATYPSALTYWHDATGYPPSQQTVNSGFWNRCQHGT
WYFLPWHRMYLFYFEEIVAKAIRDMGGPADWTLPYWNYCEAYNTSASPSNQQQALQIPPEFGSSQGPNADFASLWIKNRR
NYVLNKNNVNPWPAMNEAEFTNSGGDISFGGGVTGFAHSGGQTGQLESLPHNVVHTDINGAMGNPDTAALDPIFWLHHAN
IDRLWQVWLAQAGRSNPVVNAWKDFRFKFHDANGQPVEIAVKDVETTQLLGYVYTPAFPLSSTTPARRSVPAMDVVGATS
ASFSVGDHMAPLDLTMVPQPARGARLLAARGGDEKRTILRISNVKGKGATSPIDLFITNRDNEEGNEENFVGCIGLFGLE
NASTPSVESDGSGLNFAIDISDTINKLRQRDDWDEDNIRVQLIPQSKQDSDVEINVGRVSLHSEID
;
_entity_poly.pdbx_strand_id   A
#
# COMPACT_ATOMS: atom_id res chain seq x y z
N MET A 1 -17.35 6.84 21.38
CA MET A 1 -16.25 6.92 20.39
C MET A 1 -15.32 5.75 20.69
N LYS A 2 -14.93 4.98 19.68
CA LYS A 2 -13.89 3.96 19.78
C LYS A 2 -12.54 4.55 19.40
N THR A 3 -11.49 3.88 19.88
CA THR A 3 -10.10 4.30 19.67
C THR A 3 -9.34 3.16 19.00
N ARG A 4 -8.73 3.45 17.83
CA ARG A 4 -7.76 2.54 17.24
C ARG A 4 -6.39 2.86 17.83
N GLN A 5 -5.74 1.83 18.38
CA GLN A 5 -4.47 1.95 19.09
C GLN A 5 -3.32 1.48 18.22
N ASN A 6 -2.14 1.99 18.61
CA ASN A 6 -0.85 1.60 18.08
C ASN A 6 -0.56 0.21 18.60
N VAL A 7 -0.28 -0.73 17.66
CA VAL A 7 -0.23 -2.16 18.02
C VAL A 7 0.87 -2.41 19.06
N TYR A 8 1.97 -1.66 18.98
CA TYR A 8 3.08 -1.81 19.90
C TYR A 8 2.89 -0.99 21.17
N GLU A 9 1.77 -0.28 21.34
CA GLU A 9 1.45 0.35 22.62
C GLU A 9 0.27 -0.33 23.33
N LEU A 10 -0.21 -1.47 22.81
CA LEU A 10 -1.32 -2.20 23.42
C LEU A 10 -0.95 -2.73 24.81
N LYS A 11 -1.91 -2.61 25.72
CA LYS A 11 -1.78 -3.19 27.05
C LYS A 11 -3.00 -4.02 27.37
N ASP A 12 -3.75 -4.48 26.37
CA ASP A 12 -5.00 -5.20 26.58
C ASP A 12 -4.94 -6.43 25.71
N ASP A 13 -6.07 -7.10 25.59
CA ASP A 13 -6.13 -8.37 24.87
C ASP A 13 -6.52 -8.24 23.38
N THR A 14 -6.26 -7.07 22.78
CA THR A 14 -6.67 -6.76 21.41
C THR A 14 -6.18 -7.84 20.43
N LEU A 15 -4.89 -8.27 20.55
CA LEU A 15 -4.39 -9.15 19.50
C LEU A 15 -4.91 -10.58 19.71
N SER A 16 -5.13 -10.98 20.98
CA SER A 16 -5.54 -12.35 21.27
C SER A 16 -6.99 -12.54 20.80
N TRP A 17 -7.83 -11.52 20.98
CA TRP A 17 -9.19 -11.57 20.44
C TRP A 17 -9.17 -11.52 18.90
N TYR A 18 -8.27 -10.71 18.31
CA TYR A 18 -8.13 -10.70 16.86
C TYR A 18 -7.84 -12.09 16.34
N SER A 19 -6.88 -12.78 16.95
CA SER A 19 -6.56 -14.13 16.53
C SER A 19 -7.78 -15.07 16.55
N ARG A 20 -8.52 -15.06 17.63
CA ARG A 20 -9.71 -15.87 17.76
C ARG A 20 -10.76 -15.47 16.73
N ALA A 21 -10.89 -14.17 16.46
CA ALA A 21 -11.82 -13.73 15.40
C ALA A 21 -11.39 -14.25 14.02
N VAL A 22 -10.10 -14.22 13.71
CA VAL A 22 -9.66 -14.67 12.40
C VAL A 22 -9.90 -16.18 12.27
N GLU A 23 -9.65 -16.93 13.35
CA GLU A 23 -9.83 -18.36 13.37
C GLU A 23 -11.29 -18.73 13.05
N GLU A 24 -12.24 -17.99 13.64
CA GLU A 24 -13.67 -18.20 13.48
C GLU A 24 -14.09 -17.81 12.06
N MET A 25 -13.49 -16.72 11.56
CA MET A 25 -13.87 -16.20 10.25
C MET A 25 -13.29 -17.10 9.18
N LYS A 26 -12.13 -17.70 9.46
CA LYS A 26 -11.52 -18.66 8.53
C LYS A 26 -12.35 -19.97 8.44
N SER A 27 -13.10 -20.28 9.49
CA SER A 27 -13.91 -21.51 9.55
C SER A 27 -15.22 -21.30 8.80
N ARG A 28 -15.56 -20.06 8.41
CA ARG A 28 -16.72 -19.81 7.56
C ARG A 28 -16.45 -20.10 6.07
N ASP A 29 -17.55 -20.36 5.33
CA ASP A 29 -17.53 -20.74 3.91
C ASP A 29 -17.21 -19.53 3.00
N ILE A 30 -16.34 -19.69 2.01
CA ILE A 30 -15.96 -18.59 1.11
C ILE A 30 -17.22 -17.80 0.61
N ASN A 31 -18.36 -18.46 0.38
CA ASN A 31 -19.58 -17.87 -0.16
C ASN A 31 -20.28 -17.00 0.88
N ASP A 32 -20.01 -17.22 2.17
CA ASP A 32 -20.53 -16.39 3.25
C ASP A 32 -19.79 -15.02 3.32
N PRO A 33 -20.52 -13.89 3.24
CA PRO A 33 -19.87 -12.57 3.24
C PRO A 33 -19.11 -12.14 4.48
N THR A 34 -19.36 -12.86 5.61
CA THR A 34 -18.74 -12.60 6.90
C THR A 34 -17.53 -13.53 7.09
N SER A 35 -17.20 -14.32 6.07
CA SER A 35 -16.05 -15.20 6.12
C SER A 35 -14.76 -14.40 5.86
N TRP A 36 -13.64 -14.92 6.40
CA TRP A 36 -12.31 -14.38 6.10
C TRP A 36 -12.10 -14.22 4.60
N TRP A 37 -12.53 -15.25 3.82
CA TRP A 37 -12.18 -15.49 2.44
C TRP A 37 -12.94 -14.49 1.58
N TYR A 38 -14.24 -14.33 1.87
CA TYR A 38 -15.05 -13.36 1.14
C TYR A 38 -14.54 -11.92 1.38
N GLN A 39 -14.28 -11.55 2.63
CA GLN A 39 -13.67 -10.25 2.93
C GLN A 39 -12.40 -10.01 2.13
N GLY A 40 -11.50 -10.98 2.07
CA GLY A 40 -10.31 -10.87 1.23
C GLY A 40 -10.64 -10.61 -0.23
N ALA A 41 -11.69 -11.27 -0.72
CA ALA A 41 -12.00 -11.32 -2.13
C ALA A 41 -12.64 -10.00 -2.56
N ILE A 42 -13.24 -9.28 -1.63
CA ILE A 42 -13.73 -7.95 -1.93
C ILE A 42 -12.56 -7.07 -2.47
N HIS A 43 -11.37 -7.19 -1.86
CA HIS A 43 -10.19 -6.46 -2.33
C HIS A 43 -9.76 -6.99 -3.70
N GLY A 44 -9.55 -8.30 -3.76
CA GLY A 44 -9.03 -8.99 -4.93
C GLY A 44 -9.16 -10.51 -4.77
N TYR A 45 -9.40 -11.17 -5.90
CA TYR A 45 -9.59 -12.62 -5.99
C TYR A 45 -9.25 -13.06 -7.41
N ALA A 46 -8.40 -14.08 -7.58
CA ALA A 46 -8.13 -14.67 -8.89
C ALA A 46 -7.64 -16.10 -8.66
N THR A 47 -7.59 -16.90 -9.74
CA THR A 47 -7.20 -18.30 -9.64
C THR A 47 -6.15 -18.72 -10.67
N TYR A 48 -5.43 -17.78 -11.35
CA TYR A 48 -4.19 -18.11 -12.05
C TYR A 48 -3.21 -18.63 -10.98
N PRO A 49 -2.21 -19.48 -11.39
CA PRO A 49 -1.39 -20.26 -10.43
C PRO A 49 -0.81 -19.54 -9.20
N SER A 50 -0.25 -18.33 -9.36
CA SER A 50 0.40 -17.62 -8.25
C SER A 50 -0.64 -17.13 -7.21
N ALA A 51 -1.89 -16.88 -7.64
CA ALA A 51 -3.03 -16.57 -6.78
C ALA A 51 -3.66 -17.82 -6.19
N LEU A 52 -3.84 -18.87 -7.03
CA LEU A 52 -4.48 -20.10 -6.60
C LEU A 52 -3.75 -20.75 -5.42
N THR A 53 -2.41 -20.70 -5.37
CA THR A 53 -1.65 -21.18 -4.22
C THR A 53 -2.25 -20.71 -2.88
N TYR A 54 -2.77 -19.48 -2.83
CA TYR A 54 -3.40 -19.01 -1.60
C TYR A 54 -4.86 -19.38 -1.53
N TRP A 55 -5.61 -19.07 -2.60
CA TRP A 55 -7.07 -19.21 -2.53
C TRP A 55 -7.51 -20.68 -2.36
N HIS A 56 -6.70 -21.67 -2.75
CA HIS A 56 -7.24 -23.02 -2.65
C HIS A 56 -7.19 -23.48 -1.21
N ASP A 57 -6.58 -22.66 -0.33
CA ASP A 57 -6.59 -22.96 1.11
C ASP A 57 -7.90 -22.49 1.68
N ALA A 58 -8.76 -21.81 0.90
CA ALA A 58 -9.97 -21.23 1.50
C ALA A 58 -11.00 -22.30 1.83
N THR A 59 -11.64 -22.16 3.01
CA THR A 59 -12.75 -23.02 3.39
C THR A 59 -13.91 -22.91 2.38
N GLY A 60 -14.20 -24.05 1.76
CA GLY A 60 -15.30 -24.15 0.82
C GLY A 60 -14.88 -23.88 -0.62
N TYR A 61 -13.55 -23.72 -0.87
CA TYR A 61 -13.02 -23.44 -2.18
C TYR A 61 -13.29 -24.60 -3.15
N PRO A 62 -13.78 -24.41 -4.41
CA PRO A 62 -13.97 -23.10 -5.02
C PRO A 62 -15.32 -22.50 -4.71
N PRO A 63 -15.41 -21.15 -4.72
CA PRO A 63 -16.70 -20.46 -4.55
C PRO A 63 -17.59 -20.71 -5.79
N SER A 64 -18.89 -20.56 -5.63
CA SER A 64 -19.82 -20.54 -6.76
C SER A 64 -19.58 -19.32 -7.67
N GLN A 65 -19.69 -19.55 -8.98
CA GLN A 65 -19.75 -18.49 -10.00
C GLN A 65 -20.73 -17.35 -9.64
N GLN A 66 -21.85 -17.63 -8.95
CA GLN A 66 -22.73 -16.55 -8.50
C GLN A 66 -22.05 -15.60 -7.48
N THR A 67 -21.21 -16.20 -6.59
CA THR A 67 -20.42 -15.38 -5.68
C THR A 67 -19.37 -14.53 -6.43
N VAL A 68 -18.60 -15.19 -7.26
CA VAL A 68 -17.53 -14.57 -8.03
C VAL A 68 -18.06 -13.35 -8.79
N ASN A 69 -19.26 -13.49 -9.37
CA ASN A 69 -19.78 -12.50 -10.31
C ASN A 69 -20.88 -11.71 -9.62
N SER A 70 -20.96 -11.72 -8.30
CA SER A 70 -21.97 -10.98 -7.54
C SER A 70 -21.89 -9.46 -7.69
N GLY A 71 -20.70 -8.92 -8.00
CA GLY A 71 -20.48 -7.46 -8.02
C GLY A 71 -19.82 -6.93 -6.74
N PHE A 72 -19.56 -7.81 -5.74
CA PHE A 72 -18.97 -7.40 -4.46
C PHE A 72 -17.48 -7.74 -4.34
N TRP A 73 -16.96 -8.50 -5.31
CA TRP A 73 -15.60 -8.99 -5.32
C TRP A 73 -14.76 -8.20 -6.33
N ASN A 74 -13.47 -8.12 -6.10
CA ASN A 74 -12.55 -7.40 -6.98
C ASN A 74 -12.93 -5.91 -7.12
N ARG A 75 -13.20 -5.27 -6.00
CA ARG A 75 -13.67 -3.89 -5.98
C ARG A 75 -12.57 -2.92 -5.52
N CYS A 76 -11.38 -3.40 -5.15
N CYS A 76 -11.39 -3.42 -5.16
CA CYS A 76 -10.42 -2.49 -4.54
CA CYS A 76 -10.42 -2.51 -4.61
C CYS A 76 -10.05 -1.37 -5.52
C CYS A 76 -10.16 -1.33 -5.56
N GLN A 77 -9.95 -0.15 -5.00
CA GLN A 77 -9.62 1.01 -5.82
C GLN A 77 -8.11 1.23 -5.72
N HIS A 78 -7.38 1.11 -6.85
CA HIS A 78 -5.93 1.24 -6.92
C HIS A 78 -5.57 2.26 -8.00
N GLY A 79 -4.54 3.06 -7.69
CA GLY A 79 -4.02 4.01 -8.66
C GLY A 79 -5.00 5.14 -8.99
N THR A 80 -5.51 5.81 -7.99
CA THR A 80 -6.77 6.58 -8.11
C THR A 80 -7.06 7.38 -6.87
N TRP A 81 -7.74 8.53 -7.05
CA TRP A 81 -8.15 9.37 -5.92
C TRP A 81 -9.15 8.65 -5.02
N TYR A 82 -9.75 7.57 -5.52
CA TYR A 82 -10.66 6.80 -4.66
C TYR A 82 -9.93 5.89 -3.66
N PHE A 83 -8.59 5.75 -3.76
CA PHE A 83 -7.83 4.78 -2.96
C PHE A 83 -8.09 4.87 -1.46
N LEU A 84 -7.94 6.08 -0.89
CA LEU A 84 -8.05 6.25 0.54
C LEU A 84 -9.48 6.03 0.97
N PRO A 85 -10.53 6.74 0.43
CA PRO A 85 -11.88 6.57 0.95
C PRO A 85 -12.35 5.11 0.84
N TRP A 86 -12.02 4.46 -0.26
CA TRP A 86 -12.44 3.06 -0.47
C TRP A 86 -11.86 2.18 0.63
N HIS A 87 -10.58 2.36 0.99
CA HIS A 87 -9.98 1.51 2.01
C HIS A 87 -10.51 1.81 3.40
N ARG A 88 -10.91 3.07 3.65
CA ARG A 88 -11.53 3.47 4.91
C ARG A 88 -12.86 2.76 5.12
N MET A 89 -13.63 2.68 4.03
CA MET A 89 -14.95 2.01 4.05
C MET A 89 -14.74 0.49 4.25
N TYR A 90 -13.87 -0.10 3.43
CA TYR A 90 -13.49 -1.52 3.54
C TYR A 90 -13.12 -1.95 4.97
N LEU A 91 -12.27 -1.13 5.61
N LEU A 91 -12.31 -1.13 5.68
CA LEU A 91 -11.81 -1.34 6.97
CA LEU A 91 -11.83 -1.49 7.02
C LEU A 91 -13.00 -1.32 7.91
C LEU A 91 -12.93 -1.25 8.05
N PHE A 92 -13.75 -0.23 7.82
CA PHE A 92 -14.89 0.01 8.69
C PHE A 92 -15.81 -1.21 8.76
N TYR A 93 -16.23 -1.78 7.62
CA TYR A 93 -17.10 -2.97 7.63
C TYR A 93 -16.38 -4.26 8.09
N PHE A 94 -15.10 -4.44 7.75
CA PHE A 94 -14.36 -5.56 8.29
C PHE A 94 -14.32 -5.50 9.83
N GLU A 95 -14.06 -4.32 10.42
CA GLU A 95 -13.95 -4.17 11.84
C GLU A 95 -15.28 -4.50 12.53
N GLU A 96 -16.40 -4.13 11.88
CA GLU A 96 -17.73 -4.48 12.33
C GLU A 96 -17.87 -6.00 12.40
N ILE A 97 -17.35 -6.71 11.38
CA ILE A 97 -17.57 -8.14 11.30
C ILE A 97 -16.70 -8.84 12.33
N VAL A 98 -15.48 -8.31 12.51
CA VAL A 98 -14.54 -8.85 13.50
C VAL A 98 -15.06 -8.61 14.91
N ALA A 99 -15.49 -7.36 15.20
CA ALA A 99 -16.03 -6.97 16.50
C ALA A 99 -17.22 -7.88 16.85
N LYS A 100 -18.06 -8.19 15.87
CA LYS A 100 -19.22 -8.98 16.17
C LYS A 100 -18.88 -10.43 16.51
N ALA A 101 -17.91 -11.02 15.80
CA ALA A 101 -17.49 -12.38 16.13
C ALA A 101 -16.94 -12.44 17.55
N ILE A 102 -16.18 -11.39 17.93
CA ILE A 102 -15.60 -11.29 19.26
C ILE A 102 -16.73 -11.20 20.31
N ARG A 103 -17.71 -10.32 20.10
CA ARG A 103 -18.86 -10.20 20.99
C ARG A 103 -19.56 -11.55 21.17
N ASP A 104 -19.81 -12.21 20.04
CA ASP A 104 -20.55 -13.47 19.97
C ASP A 104 -19.82 -14.62 20.65
N MET A 105 -18.50 -14.61 20.72
CA MET A 105 -17.78 -15.65 21.48
C MET A 105 -17.55 -15.26 22.95
N GLY A 106 -18.26 -14.25 23.48
CA GLY A 106 -18.19 -13.84 24.88
C GLY A 106 -17.08 -12.84 25.19
N GLY A 107 -16.48 -12.20 24.16
CA GLY A 107 -15.35 -11.30 24.33
C GLY A 107 -15.83 -9.88 24.53
N PRO A 108 -14.92 -8.89 24.57
CA PRO A 108 -15.37 -7.49 24.68
C PRO A 108 -16.27 -7.07 23.53
N ALA A 109 -17.13 -6.08 23.85
CA ALA A 109 -18.19 -5.52 23.04
C ALA A 109 -17.61 -4.45 22.13
N ASP A 110 -16.40 -3.91 22.38
CA ASP A 110 -15.92 -2.70 21.72
C ASP A 110 -14.59 -2.88 20.95
N TRP A 111 -14.31 -4.06 20.39
CA TRP A 111 -13.03 -4.34 19.76
C TRP A 111 -12.77 -3.38 18.59
N THR A 112 -11.55 -2.84 18.47
CA THR A 112 -11.20 -2.05 17.32
C THR A 112 -9.87 -2.54 16.78
N LEU A 113 -9.72 -2.26 15.48
CA LEU A 113 -8.53 -2.67 14.75
C LEU A 113 -7.38 -1.73 15.11
N PRO A 114 -6.21 -2.25 15.54
CA PRO A 114 -5.07 -1.36 15.81
C PRO A 114 -4.34 -1.10 14.52
N TYR A 115 -3.42 -0.13 14.60
CA TYR A 115 -2.56 0.20 13.47
C TYR A 115 -1.11 -0.18 13.77
N TRP A 116 -0.39 -0.61 12.72
CA TRP A 116 1.03 -0.86 12.79
C TRP A 116 1.74 0.34 12.21
N ASN A 117 2.34 1.14 13.08
CA ASN A 117 3.09 2.31 12.63
C ASN A 117 4.56 1.99 12.37
N TYR A 118 4.82 1.38 11.19
CA TYR A 118 6.16 1.18 10.70
C TYR A 118 6.88 2.54 10.51
N CYS A 119 6.15 3.67 10.36
CA CYS A 119 6.78 4.98 10.17
C CYS A 119 7.62 5.49 11.35
N GLU A 120 7.39 4.89 12.52
CA GLU A 120 8.10 5.19 13.75
C GLU A 120 9.61 4.97 13.61
N ALA A 121 10.04 4.19 12.61
CA ALA A 121 11.46 4.05 12.30
C ALA A 121 12.15 5.39 12.02
N TYR A 122 11.36 6.39 11.59
CA TYR A 122 11.84 7.70 11.19
C TYR A 122 11.73 8.65 12.40
N ASN A 123 11.11 8.24 13.52
CA ASN A 123 10.96 9.09 14.68
C ASN A 123 12.31 9.12 15.43
N THR A 124 13.10 10.13 15.16
CA THR A 124 14.35 10.37 15.88
C THR A 124 14.12 10.58 17.39
N SER A 125 12.93 10.97 17.84
CA SER A 125 12.67 11.16 19.27
C SER A 125 12.42 9.82 20.00
N ALA A 126 12.15 8.75 19.26
CA ALA A 126 11.83 7.54 19.97
C ALA A 126 13.16 6.87 20.29
N SER A 127 13.17 6.01 21.32
CA SER A 127 14.32 5.16 21.58
C SER A 127 14.50 4.24 20.39
N PRO A 128 15.76 3.92 20.06
CA PRO A 128 16.09 3.17 18.85
C PRO A 128 15.53 1.76 18.89
N SER A 129 15.18 1.31 20.11
CA SER A 129 14.44 0.08 20.23
C SER A 129 13.03 0.27 19.63
N ASN A 130 12.30 1.38 19.97
CA ASN A 130 11.00 1.71 19.38
C ASN A 130 11.20 1.84 17.87
N GLN A 131 12.28 2.48 17.42
CA GLN A 131 12.53 2.69 15.98
C GLN A 131 12.70 1.40 15.17
N GLN A 132 13.48 0.47 15.73
CA GLN A 132 13.80 -0.78 15.06
C GLN A 132 12.59 -1.73 15.16
N GLN A 133 11.91 -1.67 16.31
CA GLN A 133 10.68 -2.45 16.51
C GLN A 133 9.61 -2.20 15.41
N ALA A 134 9.49 -0.88 15.08
CA ALA A 134 8.55 -0.37 14.09
C ALA A 134 8.64 -1.14 12.74
N LEU A 135 9.84 -1.60 12.36
CA LEU A 135 10.10 -2.27 11.07
C LEU A 135 9.71 -3.74 11.11
N GLN A 136 9.36 -4.27 12.28
CA GLN A 136 9.11 -5.70 12.44
C GLN A 136 7.61 -5.94 12.42
N ILE A 137 7.16 -6.96 11.67
CA ILE A 137 5.84 -7.49 11.86
C ILE A 137 5.68 -7.92 13.31
N PRO A 138 4.60 -7.53 14.00
CA PRO A 138 4.52 -7.93 15.40
C PRO A 138 4.66 -9.44 15.53
N PRO A 139 5.29 -9.89 16.64
CA PRO A 139 5.55 -11.34 16.86
C PRO A 139 4.35 -12.31 17.00
N GLU A 140 3.18 -11.79 17.35
CA GLU A 140 1.93 -12.56 17.29
C GLU A 140 1.65 -13.11 15.88
N PHE A 141 2.22 -12.48 14.83
CA PHE A 141 2.00 -12.91 13.47
C PHE A 141 2.94 -14.02 12.99
N GLY A 142 3.84 -14.49 13.84
CA GLY A 142 4.62 -15.68 13.54
C GLY A 142 5.98 -15.26 13.01
N SER A 143 6.75 -16.15 12.40
CA SER A 143 8.07 -15.82 11.89
C SER A 143 8.27 -16.59 10.59
N SER A 144 9.44 -16.52 9.95
CA SER A 144 9.62 -17.38 8.76
C SER A 144 9.37 -18.85 9.08
N GLN A 145 9.68 -19.25 10.33
CA GLN A 145 9.66 -20.68 10.70
C GLN A 145 8.24 -21.19 10.90
N GLY A 146 7.24 -20.33 11.13
CA GLY A 146 5.94 -20.86 11.40
C GLY A 146 5.10 -19.86 12.18
N PRO A 147 3.86 -20.32 12.49
CA PRO A 147 2.93 -19.56 13.31
C PRO A 147 3.50 -19.39 14.70
N ASN A 148 3.11 -18.30 15.36
CA ASN A 148 3.13 -18.25 16.81
C ASN A 148 2.00 -19.17 17.31
N ALA A 149 2.38 -20.27 18.02
CA ALA A 149 1.48 -21.33 18.51
C ALA A 149 0.36 -20.68 19.33
N ASP A 150 0.55 -19.49 19.96
CA ASP A 150 -0.53 -18.93 20.76
C ASP A 150 -1.44 -18.03 19.91
N PHE A 151 -1.06 -17.72 18.67
CA PHE A 151 -1.94 -16.95 17.81
C PHE A 151 -1.89 -17.52 16.39
N ALA A 152 -2.13 -18.83 16.24
CA ALA A 152 -1.80 -19.51 15.00
C ALA A 152 -2.51 -18.88 13.79
N SER A 153 -3.74 -18.36 13.93
CA SER A 153 -4.53 -17.86 12.81
C SER A 153 -3.94 -16.59 12.18
N LEU A 154 -3.04 -15.89 12.91
CA LEU A 154 -2.52 -14.60 12.45
C LEU A 154 -1.42 -14.77 11.40
N TRP A 155 -0.93 -16.01 11.28
CA TRP A 155 0.13 -16.40 10.38
C TRP A 155 -0.43 -16.78 9.00
N ILE A 156 0.40 -16.55 7.98
CA ILE A 156 0.19 -17.09 6.64
C ILE A 156 1.52 -17.50 6.06
N LYS A 157 1.53 -18.62 5.25
CA LYS A 157 2.69 -19.13 4.57
C LYS A 157 3.21 -18.07 3.58
N ASN A 158 4.55 -18.12 3.36
CA ASN A 158 5.26 -17.57 2.23
C ASN A 158 5.52 -16.07 2.37
N ARG A 159 5.52 -15.53 3.57
CA ARG A 159 5.87 -14.12 3.67
C ARG A 159 7.34 -14.08 3.35
N ARG A 160 7.78 -13.18 2.47
CA ARG A 160 9.18 -13.08 2.14
C ARG A 160 9.94 -12.31 3.23
N ASN A 161 9.41 -11.24 3.77
CA ASN A 161 10.12 -10.45 4.78
C ASN A 161 9.25 -10.25 6.02
N TYR A 162 9.90 -10.45 7.20
CA TYR A 162 9.33 -10.19 8.52
C TYR A 162 9.87 -8.87 9.07
N VAL A 163 10.95 -8.34 8.48
CA VAL A 163 11.47 -7.03 8.87
C VAL A 163 11.50 -6.13 7.63
N LEU A 164 10.80 -4.97 7.65
CA LEU A 164 10.83 -3.99 6.57
C LEU A 164 12.17 -3.29 6.38
N ASN A 165 12.50 -3.05 5.09
CA ASN A 165 13.54 -2.14 4.70
C ASN A 165 13.10 -0.72 5.02
N LYS A 166 13.95 0.03 5.70
CA LYS A 166 13.57 1.33 6.23
C LYS A 166 13.29 2.38 5.11
N ASN A 167 13.88 2.19 3.92
CA ASN A 167 13.51 3.01 2.76
C ASN A 167 11.99 3.06 2.53
N ASN A 168 11.27 1.98 2.83
CA ASN A 168 9.90 1.80 2.46
C ASN A 168 8.85 2.44 3.39
N VAL A 169 9.25 3.06 4.52
CA VAL A 169 8.32 3.50 5.53
C VAL A 169 8.52 5.00 5.84
N ASN A 170 9.21 5.78 4.98
CA ASN A 170 9.35 7.22 5.16
C ASN A 170 8.02 7.94 4.93
N PRO A 171 7.37 8.59 5.93
CA PRO A 171 6.07 9.24 5.69
C PRO A 171 6.12 10.66 5.14
N TRP A 172 7.34 11.21 5.01
CA TRP A 172 7.53 12.62 4.70
C TRP A 172 7.15 12.94 3.26
N PRO A 173 7.53 12.14 2.22
CA PRO A 173 7.11 12.51 0.87
C PRO A 173 5.60 12.70 0.75
N ALA A 174 4.79 11.82 1.40
CA ALA A 174 3.35 12.00 1.37
C ALA A 174 2.90 13.21 2.22
N MET A 175 3.35 13.28 3.47
CA MET A 175 2.88 14.34 4.35
C MET A 175 3.18 15.71 3.74
N ASN A 176 4.28 15.78 2.96
CA ASN A 176 4.77 17.06 2.47
C ASN A 176 3.97 17.63 1.32
N GLU A 177 3.14 16.81 0.66
CA GLU A 177 2.38 17.28 -0.47
C GLU A 177 1.17 18.07 0.00
N ALA A 178 0.87 19.13 -0.76
CA ALA A 178 -0.14 20.15 -0.43
C ALA A 178 -1.53 19.75 -0.95
N GLU A 179 -1.65 19.30 -2.21
CA GLU A 179 -2.93 19.04 -2.85
C GLU A 179 -3.32 17.56 -2.70
N PHE A 180 -4.61 17.25 -2.48
CA PHE A 180 -5.07 15.87 -2.48
C PHE A 180 -4.96 15.29 -3.88
N THR A 181 -5.49 16.02 -4.87
CA THR A 181 -5.44 15.64 -6.28
C THR A 181 -5.11 16.89 -7.09
N ASN A 182 -4.21 16.85 -8.09
CA ASN A 182 -4.29 17.92 -9.08
C ASN A 182 -4.70 17.43 -10.47
N SER A 183 -5.16 18.45 -11.19
CA SER A 183 -5.57 18.40 -12.57
C SER A 183 -4.35 18.63 -13.46
N GLY A 184 -3.37 19.40 -12.92
CA GLY A 184 -2.11 19.79 -13.53
C GLY A 184 -1.01 18.72 -13.60
N GLY A 185 -1.25 17.45 -13.16
CA GLY A 185 -0.24 16.39 -13.25
C GLY A 185 0.99 16.60 -12.36
N ASP A 186 1.12 17.79 -11.77
CA ASP A 186 1.89 18.00 -10.57
C ASP A 186 1.51 16.93 -9.52
N ILE A 187 2.24 16.87 -8.41
CA ILE A 187 2.21 15.68 -7.55
C ILE A 187 0.94 15.74 -6.72
N SER A 188 0.44 14.59 -6.23
CA SER A 188 -0.76 14.64 -5.37
C SER A 188 -0.64 13.70 -4.19
N PHE A 189 -1.23 14.12 -3.07
CA PHE A 189 -1.20 13.29 -1.88
C PHE A 189 -2.07 12.01 -2.09
N GLY A 190 -3.29 12.17 -2.61
CA GLY A 190 -4.31 11.11 -2.56
C GLY A 190 -4.57 10.40 -3.89
N GLY A 191 -3.90 10.79 -4.95
CA GLY A 191 -4.09 10.13 -6.24
C GLY A 191 -4.75 11.07 -7.25
N GLY A 192 -4.72 10.64 -8.51
CA GLY A 192 -5.29 11.41 -9.62
C GLY A 192 -6.73 11.03 -9.96
N VAL A 193 -7.31 11.84 -10.84
CA VAL A 193 -8.68 11.64 -11.23
C VAL A 193 -8.88 10.38 -12.06
N THR A 194 -9.90 9.62 -11.72
CA THR A 194 -10.29 8.45 -12.47
C THR A 194 -11.80 8.31 -12.24
N GLY A 195 -12.39 7.37 -12.98
CA GLY A 195 -13.64 6.79 -12.58
C GLY A 195 -13.38 5.57 -11.72
N PHE A 196 -14.32 4.63 -11.68
CA PHE A 196 -14.09 3.38 -11.03
C PHE A 196 -12.75 2.78 -11.49
N ALA A 197 -11.81 2.39 -10.58
CA ALA A 197 -10.46 2.03 -11.01
C ALA A 197 -9.89 0.92 -10.12
N HIS A 198 -10.04 -0.31 -10.59
CA HIS A 198 -9.47 -1.48 -9.92
C HIS A 198 -7.98 -1.64 -10.22
N SER A 199 -7.46 -0.97 -11.26
CA SER A 199 -6.04 -1.00 -11.59
C SER A 199 -5.67 0.27 -12.35
N GLY A 200 -5.76 1.40 -11.66
CA GLY A 200 -5.53 2.74 -12.18
C GLY A 200 -4.06 3.09 -12.38
N GLY A 201 -3.85 4.17 -13.14
CA GLY A 201 -2.49 4.63 -13.41
C GLY A 201 -2.24 5.98 -12.74
N GLN A 202 -2.99 6.35 -11.67
CA GLN A 202 -2.84 7.69 -11.08
C GLN A 202 -2.48 7.55 -9.61
N THR A 203 -1.50 6.69 -9.34
CA THR A 203 -1.02 6.47 -7.99
C THR A 203 -0.56 7.77 -7.34
N GLY A 204 -1.13 8.11 -6.15
CA GLY A 204 -0.68 9.26 -5.39
C GLY A 204 0.45 8.92 -4.42
N GLN A 205 0.93 9.91 -3.66
CA GLN A 205 2.13 9.77 -2.88
C GLN A 205 1.96 8.77 -1.72
N LEU A 206 0.82 8.81 -0.99
CA LEU A 206 0.64 7.93 0.16
C LEU A 206 0.47 6.47 -0.33
N GLU A 207 -0.28 6.31 -1.43
CA GLU A 207 -0.48 5.02 -2.05
C GLU A 207 0.87 4.43 -2.50
N SER A 208 1.73 5.30 -3.01
CA SER A 208 3.03 4.85 -3.45
C SER A 208 3.92 4.41 -2.27
N LEU A 209 4.01 5.28 -1.24
CA LEU A 209 4.94 5.12 -0.15
C LEU A 209 4.30 5.73 1.09
N PRO A 210 4.18 4.99 2.22
CA PRO A 210 4.67 3.63 2.36
C PRO A 210 3.83 2.49 1.76
N HIS A 211 2.61 2.78 1.24
CA HIS A 211 1.61 1.71 0.99
C HIS A 211 2.09 0.62 0.03
N ASN A 212 2.49 0.97 -1.20
CA ASN A 212 2.72 -0.06 -2.20
C ASN A 212 4.00 -0.84 -1.81
N VAL A 213 5.00 -0.11 -1.30
CA VAL A 213 6.28 -0.72 -1.07
C VAL A 213 6.20 -1.66 0.15
N VAL A 214 5.37 -1.36 1.13
CA VAL A 214 5.20 -2.27 2.21
C VAL A 214 4.63 -3.59 1.65
N HIS A 215 3.70 -3.49 0.76
CA HIS A 215 3.10 -4.71 0.21
C HIS A 215 4.16 -5.58 -0.50
N THR A 216 5.01 -5.01 -1.37
CA THR A 216 5.93 -5.85 -2.15
C THR A 216 7.17 -6.21 -1.33
N ASP A 217 7.43 -5.49 -0.23
CA ASP A 217 8.49 -5.84 0.72
C ASP A 217 8.13 -7.09 1.51
N ILE A 218 6.96 -7.08 2.19
CA ILE A 218 6.49 -8.28 2.90
C ILE A 218 6.32 -9.44 1.89
N ASN A 219 5.62 -9.15 0.80
CA ASN A 219 5.39 -10.05 -0.31
C ASN A 219 4.68 -11.32 0.21
N GLY A 220 4.78 -12.40 -0.56
CA GLY A 220 3.83 -13.50 -0.46
C GLY A 220 2.45 -13.04 -0.91
N ALA A 221 1.39 -13.43 -0.18
CA ALA A 221 0.05 -13.00 -0.49
C ALA A 221 0.02 -11.49 -0.61
N MET A 222 0.74 -10.80 0.30
CA MET A 222 0.72 -9.35 0.43
C MET A 222 1.30 -8.67 -0.84
N GLY A 223 2.06 -9.41 -1.67
CA GLY A 223 2.72 -8.81 -2.83
C GLY A 223 1.81 -8.61 -4.03
N ASN A 224 0.60 -9.19 -3.98
CA ASN A 224 -0.28 -9.31 -5.15
C ASN A 224 -1.67 -8.88 -4.71
N PRO A 225 -2.31 -7.88 -5.38
CA PRO A 225 -3.61 -7.37 -4.94
C PRO A 225 -4.70 -8.42 -5.00
N ASP A 226 -4.48 -9.48 -5.82
CA ASP A 226 -5.45 -10.58 -5.90
C ASP A 226 -5.38 -11.50 -4.68
N THR A 227 -4.37 -11.33 -3.78
CA THR A 227 -4.28 -12.19 -2.60
C THR A 227 -4.07 -11.43 -1.29
N ALA A 228 -3.72 -10.14 -1.35
CA ALA A 228 -3.12 -9.47 -0.22
C ALA A 228 -4.01 -9.49 1.01
N ALA A 229 -5.34 -9.27 0.87
CA ALA A 229 -6.21 -9.15 2.03
C ALA A 229 -6.41 -10.47 2.76
N LEU A 230 -5.82 -11.55 2.24
CA LEU A 230 -5.82 -12.82 2.99
C LEU A 230 -4.81 -12.82 4.16
N ASP A 231 -3.77 -11.99 4.10
CA ASP A 231 -2.80 -11.90 5.16
C ASP A 231 -3.36 -11.11 6.33
N PRO A 232 -3.42 -11.64 7.58
CA PRO A 232 -3.98 -10.85 8.68
C PRO A 232 -3.26 -9.52 9.01
N ILE A 233 -2.01 -9.37 8.54
CA ILE A 233 -1.31 -8.12 8.79
C ILE A 233 -1.88 -7.02 7.87
N PHE A 234 -2.52 -7.41 6.74
CA PHE A 234 -3.10 -6.47 5.76
C PHE A 234 -3.84 -5.33 6.43
N TRP A 235 -4.71 -5.71 7.37
CA TRP A 235 -5.61 -4.78 8.00
C TRP A 235 -4.89 -3.77 8.92
N LEU A 236 -3.82 -4.22 9.62
CA LEU A 236 -3.15 -3.30 10.51
C LEU A 236 -2.31 -2.33 9.68
N HIS A 237 -1.72 -2.84 8.58
CA HIS A 237 -1.06 -1.98 7.59
C HIS A 237 -2.03 -0.86 7.13
N HIS A 238 -3.20 -1.24 6.71
CA HIS A 238 -4.19 -0.32 6.17
C HIS A 238 -4.71 0.62 7.23
N ALA A 239 -4.71 0.17 8.51
CA ALA A 239 -5.15 1.06 9.57
C ALA A 239 -4.08 2.16 9.72
N ASN A 240 -2.82 1.82 9.55
CA ASN A 240 -1.85 2.89 9.62
C ASN A 240 -2.02 3.86 8.42
N ILE A 241 -2.23 3.34 7.20
CA ILE A 241 -2.39 4.23 6.04
C ILE A 241 -3.58 5.16 6.25
N ASP A 242 -4.67 4.61 6.79
CA ASP A 242 -5.89 5.35 7.10
C ASP A 242 -5.63 6.50 8.07
N ARG A 243 -4.85 6.18 9.08
CA ARG A 243 -4.41 7.14 10.08
C ARG A 243 -3.55 8.26 9.48
N LEU A 244 -2.71 7.91 8.48
CA LEU A 244 -1.83 8.88 7.86
C LEU A 244 -2.64 9.90 7.04
N TRP A 245 -3.72 9.46 6.43
CA TRP A 245 -4.71 10.39 5.84
C TRP A 245 -5.25 11.42 6.84
N GLN A 246 -5.68 10.95 8.02
CA GLN A 246 -6.10 11.80 9.12
C GLN A 246 -4.99 12.76 9.55
N VAL A 247 -3.76 12.25 9.69
CA VAL A 247 -2.61 13.05 10.07
C VAL A 247 -2.30 14.15 9.02
N TRP A 248 -2.33 13.79 7.73
CA TRP A 248 -2.17 14.74 6.66
C TRP A 248 -3.16 15.90 6.78
N LEU A 249 -4.44 15.57 6.93
CA LEU A 249 -5.51 16.57 7.00
C LEU A 249 -5.34 17.49 8.20
N ALA A 250 -4.73 17.05 9.27
CA ALA A 250 -4.48 17.88 10.44
C ALA A 250 -3.41 18.96 10.16
N GLN A 251 -2.74 18.89 9.02
CA GLN A 251 -1.83 19.94 8.63
C GLN A 251 -2.69 21.12 8.12
N ALA A 252 -2.23 22.34 8.36
CA ALA A 252 -2.94 23.56 7.97
C ALA A 252 -3.09 23.65 6.45
N GLY A 253 -4.29 24.07 6.02
CA GLY A 253 -4.62 24.26 4.61
C GLY A 253 -4.68 22.95 3.84
N ARG A 254 -4.70 21.76 4.46
CA ARG A 254 -4.93 20.57 3.67
C ARG A 254 -6.43 20.27 3.60
N SER A 255 -6.96 19.80 2.46
CA SER A 255 -8.34 19.41 2.42
C SER A 255 -8.47 18.28 1.43
N ASN A 256 -9.53 17.49 1.62
CA ASN A 256 -9.98 16.56 0.60
C ASN A 256 -10.59 17.31 -0.60
N PRO A 257 -10.81 16.64 -1.75
CA PRO A 257 -11.42 17.26 -2.93
C PRO A 257 -12.85 17.70 -2.57
N VAL A 258 -13.25 18.87 -3.04
CA VAL A 258 -14.62 19.35 -2.82
C VAL A 258 -15.61 18.87 -3.87
N VAL A 259 -15.19 18.28 -5.00
CA VAL A 259 -16.10 18.11 -6.14
C VAL A 259 -16.94 16.85 -5.97
N ASN A 260 -18.11 16.86 -6.64
CA ASN A 260 -19.12 15.84 -6.46
C ASN A 260 -18.67 14.48 -7.03
N ALA A 261 -17.89 14.55 -8.13
CA ALA A 261 -17.41 13.36 -8.79
C ALA A 261 -16.69 12.47 -7.74
N TRP A 262 -16.02 13.12 -6.78
CA TRP A 262 -15.28 12.42 -5.73
C TRP A 262 -16.23 12.13 -4.55
N LYS A 263 -16.86 13.18 -4.01
CA LYS A 263 -17.71 13.11 -2.82
C LYS A 263 -18.88 12.14 -2.91
N ASP A 264 -19.47 12.01 -4.10
CA ASP A 264 -20.78 11.37 -4.22
C ASP A 264 -20.64 9.97 -4.81
N PHE A 265 -19.40 9.55 -5.08
CA PHE A 265 -19.24 8.19 -5.60
C PHE A 265 -19.55 7.19 -4.49
N ARG A 266 -20.25 6.07 -4.86
CA ARG A 266 -20.70 5.09 -3.91
C ARG A 266 -19.99 3.76 -4.18
N PHE A 267 -19.74 3.01 -3.08
CA PHE A 267 -19.09 1.69 -3.07
C PHE A 267 -19.91 0.74 -2.21
N LYS A 268 -19.97 -0.53 -2.61
CA LYS A 268 -20.79 -1.55 -1.94
C LYS A 268 -19.92 -2.48 -1.08
N PHE A 269 -20.48 -2.87 0.10
CA PHE A 269 -19.88 -3.80 1.03
C PHE A 269 -20.97 -4.64 1.65
N HIS A 270 -20.63 -5.41 2.71
CA HIS A 270 -21.60 -5.99 3.63
C HIS A 270 -21.21 -5.65 5.07
N ASP A 271 -22.24 -5.43 5.89
CA ASP A 271 -22.09 -4.97 7.27
C ASP A 271 -21.82 -6.13 8.24
N ALA A 272 -21.80 -5.77 9.55
CA ALA A 272 -21.56 -6.74 10.63
C ALA A 272 -22.57 -7.90 10.55
N ASN A 273 -23.80 -7.62 10.12
CA ASN A 273 -24.83 -8.66 10.12
C ASN A 273 -24.88 -9.40 8.78
N GLY A 274 -23.90 -9.14 7.90
CA GLY A 274 -23.86 -9.76 6.59
C GLY A 274 -24.91 -9.24 5.59
N GLN A 275 -25.37 -8.00 5.74
CA GLN A 275 -26.34 -7.39 4.83
C GLN A 275 -25.62 -6.49 3.83
N PRO A 276 -25.99 -6.53 2.55
CA PRO A 276 -25.43 -5.60 1.54
C PRO A 276 -25.66 -4.14 1.90
N VAL A 277 -24.64 -3.26 1.74
CA VAL A 277 -24.71 -1.88 2.18
C VAL A 277 -23.90 -1.07 1.18
N GLU A 278 -24.09 0.24 1.21
CA GLU A 278 -23.33 1.15 0.33
C GLU A 278 -22.97 2.40 1.12
N ILE A 279 -21.81 3.04 0.86
CA ILE A 279 -21.59 4.38 1.39
C ILE A 279 -21.03 5.21 0.24
N ALA A 280 -21.22 6.53 0.42
CA ALA A 280 -20.62 7.55 -0.43
C ALA A 280 -19.31 7.98 0.23
N VAL A 281 -18.40 8.40 -0.64
CA VAL A 281 -17.10 8.88 -0.24
C VAL A 281 -17.23 9.92 0.85
N LYS A 282 -18.25 10.79 0.74
CA LYS A 282 -18.31 11.93 1.64
C LYS A 282 -18.60 11.45 3.05
N ASP A 283 -19.21 10.27 3.18
CA ASP A 283 -19.59 9.62 4.43
C ASP A 283 -18.37 9.18 5.28
N VAL A 284 -17.17 9.20 4.68
CA VAL A 284 -15.99 8.75 5.40
C VAL A 284 -14.94 9.83 5.43
N GLU A 285 -15.37 11.09 5.31
CA GLU A 285 -14.37 12.16 5.16
C GLU A 285 -13.56 12.43 6.44
N THR A 286 -14.15 12.15 7.61
CA THR A 286 -13.39 12.03 8.85
C THR A 286 -13.72 10.68 9.55
N THR A 287 -12.83 10.26 10.48
CA THR A 287 -13.04 9.01 11.19
C THR A 287 -14.18 9.18 12.19
N GLN A 288 -14.27 10.37 12.77
CA GLN A 288 -15.32 10.64 13.74
C GLN A 288 -16.73 10.42 13.13
N LEU A 289 -16.92 10.66 11.83
CA LEU A 289 -18.17 10.27 11.17
C LEU A 289 -18.46 8.77 11.29
N LEU A 290 -17.42 7.94 11.38
CA LEU A 290 -17.64 6.51 11.48
C LEU A 290 -17.49 6.06 12.94
N GLY A 291 -17.42 6.98 13.91
CA GLY A 291 -17.41 6.59 15.31
C GLY A 291 -16.04 6.13 15.84
N TYR A 292 -14.90 6.48 15.19
CA TYR A 292 -13.58 6.12 15.69
C TYR A 292 -12.64 7.31 15.53
N VAL A 293 -11.60 7.29 16.39
CA VAL A 293 -10.41 8.14 16.38
C VAL A 293 -9.18 7.21 16.44
N TYR A 294 -8.01 7.79 16.19
CA TYR A 294 -6.72 7.16 16.37
C TYR A 294 -6.05 7.75 17.58
N THR A 295 -5.27 6.96 18.32
CA THR A 295 -4.28 7.52 19.18
C THR A 295 -3.23 8.26 18.33
N PRO A 296 -2.61 9.30 18.94
CA PRO A 296 -1.48 10.03 18.35
C PRO A 296 -0.24 9.18 18.19
N ALA A 297 0.43 9.28 17.02
CA ALA A 297 1.72 8.66 16.78
C ALA A 297 2.42 9.46 15.66
N PHE A 298 3.68 9.09 15.43
CA PHE A 298 4.81 9.91 15.07
C PHE A 298 4.45 11.06 14.17
N PRO A 299 4.11 10.88 12.88
CA PRO A 299 4.30 12.05 12.04
C PRO A 299 3.44 13.13 12.76
N LEU A 300 2.34 12.81 13.51
CA LEU A 300 1.42 13.82 14.09
C LEU A 300 2.18 14.71 15.10
N SER A 301 2.06 16.05 15.04
CA SER A 301 2.53 16.89 16.14
C SER A 301 4.06 16.80 16.26
N VAL A 315 9.95 18.97 -19.20
CA VAL A 315 10.91 17.84 -19.36
C VAL A 315 12.29 18.41 -19.71
N VAL A 316 13.19 18.43 -18.74
CA VAL A 316 14.55 18.79 -19.07
C VAL A 316 15.31 17.53 -19.50
N GLY A 317 14.78 16.32 -19.23
CA GLY A 317 15.51 15.09 -19.44
C GLY A 317 14.57 13.87 -19.48
N ALA A 318 14.81 12.94 -20.42
CA ALA A 318 14.05 11.69 -20.49
C ALA A 318 14.87 10.57 -21.13
N THR A 319 14.38 9.33 -20.91
CA THR A 319 14.89 8.15 -21.59
C THR A 319 14.35 8.10 -23.03
N SER A 320 15.05 7.43 -23.95
CA SER A 320 14.62 7.55 -25.33
C SER A 320 13.65 6.45 -25.76
N ALA A 321 13.41 5.46 -24.88
CA ALA A 321 12.39 4.43 -25.05
C ALA A 321 12.38 3.42 -23.89
N SER A 322 11.36 2.56 -23.89
CA SER A 322 11.12 1.66 -22.79
C SER A 322 12.28 0.66 -22.66
N PHE A 323 12.59 0.25 -21.39
CA PHE A 323 13.71 -0.60 -21.03
C PHE A 323 13.36 -1.57 -19.87
N SER A 324 14.11 -2.71 -19.72
CA SER A 324 13.98 -3.63 -18.58
C SER A 324 14.78 -3.15 -17.38
N VAL A 325 14.24 -3.58 -16.23
CA VAL A 325 14.94 -3.48 -14.98
C VAL A 325 15.20 -4.90 -14.52
N GLY A 326 16.46 -5.29 -14.62
CA GLY A 326 16.97 -6.56 -14.11
C GLY A 326 17.51 -6.40 -12.67
N ASP A 327 18.40 -7.33 -12.29
CA ASP A 327 18.96 -7.30 -10.94
C ASP A 327 19.83 -6.08 -10.69
N HIS A 328 20.64 -5.63 -11.69
CA HIS A 328 21.51 -4.49 -11.41
C HIS A 328 21.86 -3.76 -12.69
N MET A 329 20.94 -2.94 -13.17
CA MET A 329 21.22 -2.18 -14.38
C MET A 329 22.33 -1.17 -14.10
N ALA A 330 23.13 -0.90 -15.13
CA ALA A 330 24.02 0.25 -15.21
C ALA A 330 23.17 1.52 -15.27
N PRO A 331 23.68 2.67 -14.76
CA PRO A 331 22.91 3.92 -14.82
C PRO A 331 22.60 4.34 -16.27
N LEU A 332 21.38 4.84 -16.52
CA LEU A 332 20.80 5.10 -17.84
C LEU A 332 20.84 6.61 -18.04
N ASP A 333 21.30 7.08 -19.21
CA ASP A 333 21.40 8.49 -19.54
C ASP A 333 20.02 9.04 -19.79
N LEU A 334 19.80 10.26 -19.32
CA LEU A 334 18.65 11.03 -19.73
C LEU A 334 19.06 12.11 -20.74
N THR A 335 19.05 11.79 -22.06
CA THR A 335 18.71 12.73 -23.15
C THR A 335 18.16 14.08 -22.63
N MET A 336 18.99 15.13 -22.43
CA MET A 336 18.47 16.45 -22.03
C MET A 336 17.82 17.21 -23.21
N VAL A 337 16.74 17.97 -22.98
CA VAL A 337 15.90 18.52 -24.06
C VAL A 337 16.30 19.96 -24.43
N ARG A 356 11.76 23.35 -7.95
CA ARG A 356 11.22 21.99 -7.68
C ARG A 356 11.55 21.02 -8.82
N THR A 357 12.18 19.86 -8.53
CA THR A 357 12.38 18.86 -9.59
C THR A 357 11.66 17.55 -9.29
N ILE A 358 10.96 17.04 -10.28
CA ILE A 358 10.10 15.85 -10.23
C ILE A 358 10.69 14.78 -11.17
N LEU A 359 10.87 13.57 -10.61
CA LEU A 359 11.19 12.40 -11.40
C LEU A 359 9.94 11.58 -11.61
N ARG A 360 9.64 11.28 -12.86
CA ARG A 360 8.46 10.50 -13.19
C ARG A 360 8.91 9.16 -13.74
N ILE A 361 8.27 8.10 -13.23
CA ILE A 361 8.53 6.78 -13.77
C ILE A 361 7.21 6.23 -14.35
N SER A 362 7.12 6.15 -15.70
CA SER A 362 5.82 5.97 -16.33
C SER A 362 5.71 4.62 -17.04
N ASN A 363 4.45 4.16 -17.07
CA ASN A 363 3.97 3.05 -17.85
C ASN A 363 4.83 1.84 -17.50
N VAL A 364 4.92 1.51 -16.21
CA VAL A 364 5.66 0.30 -15.81
C VAL A 364 4.77 -0.94 -15.91
N LYS A 365 5.32 -1.95 -16.59
CA LYS A 365 4.56 -3.15 -16.90
C LYS A 365 5.45 -4.35 -16.60
N GLY A 366 4.81 -5.54 -16.53
CA GLY A 366 5.54 -6.75 -16.34
C GLY A 366 4.76 -7.67 -15.40
N LYS A 367 5.51 -8.49 -14.66
CA LYS A 367 4.87 -9.51 -13.83
C LYS A 367 5.85 -10.12 -12.83
N GLY A 368 5.30 -10.91 -11.89
CA GLY A 368 6.11 -11.74 -11.01
C GLY A 368 6.17 -11.10 -9.63
N ALA A 369 6.75 -11.82 -8.61
CA ALA A 369 6.75 -11.31 -7.25
C ALA A 369 7.95 -10.35 -7.04
N THR A 370 7.76 -9.12 -7.51
CA THR A 370 8.81 -8.09 -7.47
C THR A 370 9.16 -7.78 -6.02
N SER A 371 10.30 -7.12 -5.85
CA SER A 371 10.62 -6.40 -4.63
C SER A 371 10.56 -4.89 -4.91
N PRO A 372 10.51 -4.04 -3.85
CA PRO A 372 10.57 -2.59 -4.08
C PRO A 372 11.85 -2.21 -4.83
N ILE A 373 11.68 -1.14 -5.66
CA ILE A 373 12.71 -0.66 -6.56
C ILE A 373 13.28 0.64 -6.03
N ASP A 374 14.57 0.59 -5.70
CA ASP A 374 15.30 1.77 -5.23
C ASP A 374 15.75 2.61 -6.44
N LEU A 375 15.78 3.94 -6.25
CA LEU A 375 16.07 4.83 -7.36
C LEU A 375 17.21 5.74 -6.89
N PHE A 376 18.18 5.95 -7.78
CA PHE A 376 19.33 6.78 -7.58
C PHE A 376 19.48 7.62 -8.85
N ILE A 377 20.09 8.79 -8.60
CA ILE A 377 20.59 9.69 -9.63
C ILE A 377 22.10 9.79 -9.45
N THR A 378 22.82 9.61 -10.56
CA THR A 378 24.26 9.74 -10.61
C THR A 378 24.68 10.82 -11.64
N ASN A 379 25.98 11.22 -11.58
CA ASN A 379 26.47 12.46 -12.20
C ASN A 379 27.85 12.26 -12.81
N ARG A 380 28.65 11.29 -12.33
CA ARG A 380 30.02 11.06 -12.75
C ARG A 380 30.13 9.70 -13.36
N ASP A 381 31.27 9.43 -14.04
CA ASP A 381 31.27 8.38 -15.03
C ASP A 381 31.32 7.00 -14.37
N ASN A 382 31.98 6.79 -13.25
CA ASN A 382 31.83 5.41 -12.75
C ASN A 382 30.95 5.33 -11.48
N GLU A 383 30.19 6.38 -11.18
CA GLU A 383 29.36 6.46 -9.96
C GLU A 383 28.23 5.44 -10.05
N GLU A 384 27.93 4.86 -8.88
CA GLU A 384 26.89 3.87 -8.67
C GLU A 384 25.96 4.38 -7.56
N GLY A 385 24.71 3.92 -7.60
CA GLY A 385 23.74 4.24 -6.56
C GLY A 385 24.25 3.87 -5.17
N ASN A 386 24.02 4.79 -4.22
CA ASN A 386 24.42 4.65 -2.84
C ASN A 386 23.47 5.53 -1.98
N GLU A 387 23.69 5.51 -0.64
CA GLU A 387 22.90 6.26 0.32
C GLU A 387 22.92 7.78 0.03
N GLU A 388 24.00 8.29 -0.53
CA GLU A 388 24.12 9.72 -0.87
C GLU A 388 23.42 10.09 -2.20
N ASN A 389 23.10 9.09 -3.07
CA ASN A 389 22.64 9.17 -4.46
C ASN A 389 21.15 8.95 -4.49
N PHE A 390 20.68 8.28 -3.42
CA PHE A 390 19.35 7.72 -3.35
C PHE A 390 18.27 8.80 -3.34
N VAL A 391 17.22 8.61 -4.16
CA VAL A 391 16.19 9.65 -4.24
C VAL A 391 14.84 9.10 -3.80
N GLY A 392 14.65 7.76 -3.66
CA GLY A 392 13.32 7.28 -3.37
C GLY A 392 13.12 5.84 -3.83
N CYS A 393 11.91 5.35 -3.69
N CYS A 393 11.91 5.34 -3.55
CA CYS A 393 11.69 3.95 -4.02
CA CYS A 393 11.50 4.00 -3.94
C CYS A 393 10.22 3.77 -4.41
C CYS A 393 10.22 3.98 -4.75
N ILE A 394 9.94 2.82 -5.33
CA ILE A 394 8.60 2.60 -5.82
C ILE A 394 8.27 1.11 -5.64
N GLY A 395 6.97 0.83 -5.45
CA GLY A 395 6.46 -0.51 -5.22
C GLY A 395 5.51 -0.88 -6.35
N LEU A 396 5.88 -1.94 -7.05
CA LEU A 396 5.14 -2.38 -8.21
C LEU A 396 3.96 -3.25 -7.86
N PHE A 397 3.12 -2.72 -6.96
CA PHE A 397 1.97 -3.47 -6.48
C PHE A 397 0.85 -3.35 -7.49
N GLY A 398 0.33 -4.48 -7.98
CA GLY A 398 -0.68 -4.46 -9.04
C GLY A 398 -0.14 -4.43 -10.48
N LEU A 399 1.16 -4.73 -10.67
CA LEU A 399 1.89 -4.51 -11.90
C LEU A 399 1.22 -5.28 -13.08
N GLU A 400 1.03 -6.59 -12.93
CA GLU A 400 0.45 -7.37 -14.03
C GLU A 400 -1.00 -6.94 -14.29
N ASN A 401 -1.82 -6.68 -13.25
CA ASN A 401 -3.18 -6.19 -13.44
C ASN A 401 -3.22 -4.88 -14.27
N ALA A 402 -2.27 -3.95 -14.04
CA ALA A 402 -2.22 -2.64 -14.72
C ALA A 402 -1.67 -2.76 -16.15
N SER A 403 -0.93 -3.83 -16.38
CA SER A 403 -0.25 -4.20 -17.62
C SER A 403 -1.17 -4.84 -18.66
N THR A 404 -2.39 -5.23 -18.25
CA THR A 404 -3.32 -6.08 -19.03
C THR A 404 -4.59 -5.28 -19.40
N PRO A 405 -5.06 -5.26 -20.68
CA PRO A 405 -6.39 -4.71 -21.00
C PRO A 405 -7.61 -5.59 -20.65
N SER A 406 -8.76 -4.97 -20.24
CA SER A 406 -9.97 -5.70 -19.81
C SER A 406 -11.14 -4.75 -19.46
N SER A 409 -9.24 -1.53 -17.26
CA SER A 409 -7.78 -1.52 -17.57
C SER A 409 -7.57 -1.37 -19.09
N ASP A 410 -7.04 -0.22 -19.55
CA ASP A 410 -6.53 -0.10 -20.92
C ASP A 410 -5.08 -0.58 -21.01
N GLY A 411 -4.52 -1.10 -19.91
CA GLY A 411 -3.26 -1.84 -19.89
C GLY A 411 -1.97 -1.01 -19.94
N SER A 412 -2.01 0.29 -19.59
CA SER A 412 -0.86 1.18 -19.78
C SER A 412 0.14 1.12 -18.63
N GLY A 413 -0.12 0.29 -17.59
CA GLY A 413 0.90 0.02 -16.60
C GLY A 413 0.79 1.02 -15.46
N LEU A 414 1.72 0.96 -14.48
CA LEU A 414 1.70 1.82 -13.30
C LEU A 414 2.52 3.07 -13.58
N ASN A 415 2.13 4.20 -12.93
CA ASN A 415 2.84 5.46 -13.03
C ASN A 415 3.15 6.03 -11.66
N PHE A 416 4.34 6.62 -11.53
CA PHE A 416 4.87 7.11 -10.25
C PHE A 416 5.52 8.44 -10.51
N ALA A 417 5.50 9.29 -9.47
CA ALA A 417 6.17 10.58 -9.51
C ALA A 417 6.71 10.86 -8.13
N ILE A 418 7.89 11.48 -8.09
CA ILE A 418 8.64 11.68 -6.86
C ILE A 418 9.25 13.09 -6.93
N ASP A 419 9.13 13.83 -5.82
CA ASP A 419 9.85 15.07 -5.63
C ASP A 419 11.30 14.82 -5.18
N ILE A 420 12.29 15.12 -6.02
CA ILE A 420 13.67 14.78 -5.69
C ILE A 420 14.51 16.07 -5.54
N SER A 421 13.83 17.21 -5.30
CA SER A 421 14.41 18.55 -5.24
C SER A 421 15.57 18.56 -4.26
N ASP A 422 15.38 17.87 -3.14
CA ASP A 422 16.35 17.85 -2.05
C ASP A 422 17.65 17.16 -2.40
N THR A 423 17.57 15.95 -2.97
CA THR A 423 18.76 15.21 -3.35
C THR A 423 19.46 15.95 -4.50
N ILE A 424 18.67 16.48 -5.43
CA ILE A 424 19.22 17.06 -6.63
C ILE A 424 20.05 18.30 -6.30
N ASN A 425 19.57 19.04 -5.33
CA ASN A 425 20.13 20.31 -4.96
C ASN A 425 21.44 19.98 -4.22
N LYS A 426 21.50 18.89 -3.42
CA LYS A 426 22.75 18.40 -2.84
C LYS A 426 23.80 18.26 -3.94
N LEU A 427 23.45 17.44 -4.93
CA LEU A 427 24.40 16.92 -5.90
C LEU A 427 24.88 18.08 -6.75
N ARG A 428 23.97 19.05 -6.90
CA ARG A 428 24.14 20.21 -7.75
C ARG A 428 25.25 21.13 -7.26
N GLN A 429 25.59 21.03 -5.98
CA GLN A 429 26.68 21.83 -5.44
C GLN A 429 28.01 21.08 -5.39
N ARG A 430 28.08 19.84 -5.92
CA ARG A 430 29.35 19.28 -6.35
C ARG A 430 30.09 20.19 -7.36
N ASP A 431 31.41 20.34 -7.15
CA ASP A 431 32.24 21.14 -8.04
C ASP A 431 32.14 20.62 -9.46
N ASP A 432 32.02 19.28 -9.65
CA ASP A 432 32.09 18.70 -10.99
C ASP A 432 30.68 18.41 -11.51
N TRP A 433 29.65 19.06 -10.93
CA TRP A 433 28.27 18.82 -11.36
C TRP A 433 28.10 19.28 -12.80
N ASP A 434 27.53 18.43 -13.66
CA ASP A 434 27.27 18.69 -15.06
C ASP A 434 25.88 18.15 -15.42
N GLU A 435 25.00 19.07 -15.85
CA GLU A 435 23.60 18.81 -16.11
C GLU A 435 23.39 17.87 -17.32
N ASP A 436 24.39 17.69 -18.20
CA ASP A 436 24.27 16.75 -19.31
C ASP A 436 24.71 15.32 -18.93
N ASN A 437 25.14 15.12 -17.69
CA ASN A 437 25.67 13.84 -17.28
C ASN A 437 24.69 13.20 -16.30
N ILE A 438 23.47 13.69 -16.27
CA ILE A 438 22.50 13.11 -15.34
C ILE A 438 22.08 11.72 -15.85
N ARG A 439 22.28 10.70 -14.98
CA ARG A 439 21.82 9.35 -15.22
C ARG A 439 20.89 8.86 -14.09
N VAL A 440 20.02 7.90 -14.44
CA VAL A 440 19.17 7.25 -13.45
C VAL A 440 19.45 5.74 -13.36
N GLN A 441 19.42 5.21 -12.11
CA GLN A 441 19.53 3.77 -11.85
C GLN A 441 18.38 3.29 -10.96
N LEU A 442 17.74 2.18 -11.35
CA LEU A 442 16.64 1.53 -10.63
C LEU A 442 17.11 0.11 -10.25
N ILE A 443 17.19 -0.17 -8.95
CA ILE A 443 17.78 -1.42 -8.44
C ILE A 443 16.82 -2.07 -7.44
N PRO A 444 16.31 -3.29 -7.73
CA PRO A 444 15.42 -3.99 -6.81
C PRO A 444 16.13 -4.17 -5.48
N GLN A 445 15.38 -4.16 -4.37
CA GLN A 445 15.98 -4.25 -3.04
C GLN A 445 16.48 -5.67 -2.79
N SER A 446 15.96 -6.64 -3.53
CA SER A 446 16.43 -8.02 -3.37
C SER A 446 16.46 -8.67 -4.77
N LYS A 447 17.27 -9.72 -4.91
CA LYS A 447 17.49 -10.36 -6.22
C LYS A 447 16.16 -10.86 -6.75
N GLN A 448 15.88 -10.65 -8.02
CA GLN A 448 14.61 -11.01 -8.59
C GLN A 448 14.51 -12.53 -8.71
N ASP A 449 13.31 -13.06 -8.45
CA ASP A 449 12.97 -14.39 -8.91
C ASP A 449 13.01 -14.39 -10.41
N SER A 450 13.21 -15.58 -10.95
CA SER A 450 13.53 -15.78 -12.34
C SER A 450 12.32 -15.51 -13.24
N ASP A 451 11.08 -15.56 -12.75
CA ASP A 451 9.98 -15.22 -13.63
C ASP A 451 9.57 -13.73 -13.50
N VAL A 452 10.37 -12.91 -12.80
CA VAL A 452 10.09 -11.47 -12.77
C VAL A 452 10.45 -10.82 -14.12
N GLU A 453 9.57 -9.92 -14.57
CA GLU A 453 9.87 -9.05 -15.71
C GLU A 453 9.34 -7.64 -15.43
N ILE A 454 10.21 -6.65 -15.65
CA ILE A 454 9.84 -5.28 -15.45
C ILE A 454 10.33 -4.54 -16.68
N ASN A 455 9.40 -3.84 -17.33
CA ASN A 455 9.66 -2.86 -18.38
C ASN A 455 9.15 -1.49 -17.92
N VAL A 456 10.06 -0.51 -17.83
CA VAL A 456 9.69 0.87 -17.63
C VAL A 456 9.49 1.57 -19.00
N GLY A 457 8.30 2.20 -19.16
CA GLY A 457 7.91 2.97 -20.35
C GLY A 457 8.80 4.19 -20.52
N ARG A 458 9.02 5.00 -19.44
CA ARG A 458 9.83 6.22 -19.59
C ARG A 458 10.22 6.68 -18.19
N VAL A 459 11.47 7.13 -18.02
CA VAL A 459 11.85 7.92 -16.87
C VAL A 459 12.08 9.33 -17.40
N SER A 460 11.51 10.33 -16.73
CA SER A 460 11.76 11.72 -17.12
C SER A 460 11.93 12.58 -15.88
N LEU A 461 12.60 13.68 -16.07
CA LEU A 461 12.96 14.63 -15.02
C LEU A 461 12.42 15.99 -15.46
N HIS A 462 11.67 16.66 -14.60
CA HIS A 462 10.97 17.89 -14.99
C HIS A 462 11.16 18.95 -13.92
N SER A 463 11.09 20.19 -14.37
CA SER A 463 11.43 21.31 -13.51
C SER A 463 10.38 22.40 -13.65
#